data_2Q6L
#
_entry.id   2Q6L
#
_cell.length_a   111.080
_cell.length_b   111.080
_cell.length_c   93.360
_cell.angle_alpha   90.00
_cell.angle_beta   90.00
_cell.angle_gamma   120.00
#
_symmetry.space_group_name_H-M   'P 63 2 2'
#
loop_
_entity.id
_entity.type
_entity.pdbx_description
1 polymer 'Hypothetical protein'
2 non-polymer "5'-CHLORO-5'-DEOXYADENOSINE"
3 non-polymer METHIONINE
4 water water
#
_entity_poly.entity_id   1
_entity_poly.type   'polypeptide(L)'
_entity_poly.pdbx_seq_one_letter_code
;GGMQHNLIAFLSDVGSADEAHALCKGVMYGVAPAATIVDITHDVAPFDVREGALFLADVPHSFPAHTVICATVYPETGTA
THTIAVRNEKGQLLVGPNNGLLSFALDASPAVECHEVLSPDVMNQPVTPTWYSKDIVAACAAHLAAGTDLAAVGPRIDPK
QIVRLPYASASEVEGGIRGEVVRIDRAFGNVWTNIPTHLIGSMLQDGERLEVKIEALSDTVLELPFCKTFGEVDEGQPLL
YLNSRGRLALGLNQSNFIEKWPVVPGDSITVSPRVPDSNLGPVLG
;
_entity_poly.pdbx_strand_id   A
#
# COMPACT_ATOMS: atom_id res chain seq x y z
N GLY A 1 -19.22 -18.88 -5.46
CA GLY A 1 -18.22 -19.65 -4.67
C GLY A 1 -16.80 -19.09 -4.80
N GLY A 2 -15.84 -19.86 -4.30
CA GLY A 2 -14.44 -19.43 -4.29
C GLY A 2 -13.70 -19.69 -5.59
N MET A 3 -12.54 -19.04 -5.71
CA MET A 3 -11.67 -19.20 -6.87
C MET A 3 -10.25 -19.23 -6.39
N GLN A 4 -9.44 -20.09 -6.98
CA GLN A 4 -8.03 -20.22 -6.63
C GLN A 4 -7.26 -18.95 -6.97
N HIS A 5 -6.58 -18.40 -5.98
CA HIS A 5 -5.68 -17.27 -6.17
C HIS A 5 -4.29 -17.68 -5.68
N ASN A 6 -3.50 -18.19 -6.63
CA ASN A 6 -2.24 -18.89 -6.35
C ASN A 6 -1.10 -18.01 -5.84
N LEU A 7 -1.27 -16.69 -5.92
CA LEU A 7 -0.21 -15.74 -5.60
C LEU A 7 -0.58 -14.87 -4.40
N ILE A 8 0.16 -15.02 -3.31
CA ILE A 8 -0.07 -14.20 -2.13
C ILE A 8 0.94 -13.05 -2.05
N ALA A 9 0.43 -11.83 -2.07
CA ALA A 9 1.25 -10.64 -1.93
C ALA A 9 1.18 -10.13 -0.49
N PHE A 10 2.29 -10.23 0.21
CA PHE A 10 2.35 -10.12 1.66
C PHE A 10 3.07 -8.84 2.14
N LEU A 11 2.36 -8.03 2.91
CA LEU A 11 2.85 -6.73 3.39
C LEU A 11 2.66 -6.64 4.90
N SER A 12 3.69 -6.19 5.62
CA SER A 12 3.60 -6.04 7.08
C SER A 12 4.52 -4.94 7.64
N ASP A 13 4.51 -4.79 8.96
CA ASP A 13 5.38 -3.84 9.65
C ASP A 13 6.30 -4.54 10.67
N VAL A 14 6.34 -5.87 10.62
CA VAL A 14 7.10 -6.65 11.60
C VAL A 14 8.57 -6.82 11.20
N GLY A 15 8.93 -6.31 10.02
CA GLY A 15 10.29 -6.41 9.52
C GLY A 15 10.66 -7.79 9.03
N SER A 16 11.85 -7.92 8.46
CA SER A 16 12.37 -9.20 8.02
C SER A 16 13.65 -9.59 8.77
N ALA A 17 13.89 -8.90 9.89
CA ALA A 17 15.09 -9.10 10.70
C ALA A 17 14.94 -10.24 11.72
N ASP A 18 13.73 -10.76 11.87
CA ASP A 18 13.49 -11.96 12.67
C ASP A 18 12.44 -12.89 12.03
N GLU A 19 11.94 -13.84 12.81
CA GLU A 19 11.13 -14.94 12.27
C GLU A 19 9.63 -14.64 12.11
N ALA A 20 9.17 -13.53 12.70
CA ALA A 20 7.74 -13.19 12.77
C ALA A 20 6.99 -13.29 11.44
N HIS A 21 7.56 -12.68 10.41
CA HIS A 21 6.96 -12.67 9.07
C HIS A 21 6.99 -14.07 8.41
N ALA A 22 8.00 -14.86 8.75
CA ALA A 22 8.16 -16.20 8.22
C ALA A 22 7.21 -17.21 8.86
N LEU A 23 6.71 -16.92 10.04
CA LEU A 23 5.75 -17.76 10.69
C LEU A 23 4.30 -17.77 10.23
N CYS A 24 3.70 -16.61 10.18
CA CYS A 24 2.90 -16.20 9.09
C CYS A 24 3.68 -16.87 8.06
N LYS A 25 3.11 -17.41 7.03
CA LYS A 25 3.94 -18.01 6.00
C LYS A 25 4.10 -19.44 6.17
N GLY A 26 4.75 -19.84 7.21
CA GLY A 26 4.62 -21.22 7.67
C GLY A 26 3.16 -21.64 7.78
N VAL A 27 2.36 -20.78 8.42
CA VAL A 27 0.92 -20.97 8.53
C VAL A 27 0.25 -21.02 7.14
N MET A 28 0.66 -20.13 6.26
CA MET A 28 0.06 -20.00 4.93
C MET A 28 0.31 -21.21 4.06
N TYR A 29 1.50 -21.79 4.10
CA TYR A 29 1.78 -23.02 3.35
C TYR A 29 1.04 -24.23 3.92
N GLY A 30 0.73 -24.19 5.21
CA GLY A 30 -0.04 -25.24 5.86
C GLY A 30 -1.45 -25.32 5.29
N VAL A 31 -2.08 -24.16 5.14
CA VAL A 31 -3.42 -24.06 4.58
C VAL A 31 -3.39 -24.23 3.05
N ALA A 32 -2.51 -23.48 2.39
CA ALA A 32 -2.36 -23.54 0.94
C ALA A 32 -0.92 -23.91 0.55
N PRO A 33 -0.64 -25.22 0.36
CA PRO A 33 0.68 -25.71 -0.04
C PRO A 33 1.13 -25.24 -1.43
N ALA A 34 0.16 -25.08 -2.35
CA ALA A 34 0.46 -24.70 -3.74
C ALA A 34 0.72 -23.20 -3.93
N ALA A 35 0.48 -22.41 -2.89
CA ALA A 35 0.55 -20.95 -2.98
C ALA A 35 1.97 -20.45 -3.16
N THR A 36 2.11 -19.34 -3.90
CA THR A 36 3.37 -18.66 -4.08
C THR A 36 3.33 -17.37 -3.27
N ILE A 37 4.12 -17.33 -2.20
CA ILE A 37 4.14 -16.16 -1.32
C ILE A 37 5.20 -15.15 -1.78
N VAL A 38 4.79 -13.92 -1.96
CA VAL A 38 5.68 -12.85 -2.36
C VAL A 38 5.56 -11.69 -1.38
N ASP A 39 6.69 -11.27 -0.83
CA ASP A 39 6.72 -10.10 0.04
C ASP A 39 6.60 -8.83 -0.78
N ILE A 40 5.70 -7.94 -0.37
CA ILE A 40 5.65 -6.60 -0.90
C ILE A 40 6.76 -5.84 -0.17
N THR A 41 6.59 -5.72 1.15
CA THR A 41 7.67 -5.38 2.08
C THR A 41 7.17 -5.65 3.49
N HIS A 42 8.11 -5.79 4.41
CA HIS A 42 7.79 -5.91 5.82
C HIS A 42 8.33 -4.73 6.62
N ASP A 43 9.04 -3.85 5.92
CA ASP A 43 9.70 -2.71 6.55
C ASP A 43 8.86 -1.43 6.52
N VAL A 44 7.55 -1.59 6.68
CA VAL A 44 6.65 -0.48 6.96
C VAL A 44 6.93 -0.03 8.40
N ALA A 45 7.09 1.29 8.59
CA ALA A 45 7.29 1.84 9.93
C ALA A 45 6.28 1.26 10.92
N PRO A 46 6.72 0.96 12.15
CA PRO A 46 5.83 0.37 13.15
C PRO A 46 4.51 1.14 13.27
N PHE A 47 3.41 0.40 13.20
CA PHE A 47 2.05 0.94 13.39
C PHE A 47 1.57 1.92 12.30
N ASP A 48 2.47 2.30 11.40
CA ASP A 48 2.16 3.30 10.37
C ASP A 48 1.24 2.75 9.28
N VAL A 49 -0.06 2.87 9.53
CA VAL A 49 -1.09 2.40 8.61
C VAL A 49 -1.09 3.20 7.30
N ARG A 50 -0.84 4.50 7.39
CA ARG A 50 -0.77 5.37 6.22
C ARG A 50 0.35 4.94 5.25
N GLU A 51 1.56 4.73 5.77
CA GLU A 51 2.69 4.32 4.92
C GLU A 51 2.43 2.99 4.23
N GLY A 52 1.92 2.02 5.00
CA GLY A 52 1.54 0.71 4.47
C GLY A 52 0.51 0.84 3.35
N ALA A 53 -0.49 1.69 3.56
CA ALA A 53 -1.54 1.94 2.56
C ALA A 53 -0.98 2.53 1.27
N LEU A 54 0.02 3.40 1.41
CA LEU A 54 0.68 4.02 0.26
C LEU A 54 1.49 3.00 -0.54
N PHE A 55 2.09 2.04 0.16
CA PHE A 55 2.88 0.98 -0.46
C PHE A 55 2.00 0.01 -1.25
N LEU A 56 0.72 -0.08 -0.87
CA LEU A 56 -0.22 -1.01 -1.50
C LEU A 56 -0.90 -0.46 -2.76
N ALA A 57 -0.85 0.85 -2.95
CA ALA A 57 -1.60 1.52 -4.03
C ALA A 57 -1.38 0.93 -5.42
N ASP A 58 -0.12 0.75 -5.81
CA ASP A 58 0.20 0.30 -7.15
C ASP A 58 0.24 -1.24 -7.28
N VAL A 59 -0.14 -1.92 -6.21
CA VAL A 59 -0.09 -3.39 -6.17
C VAL A 59 -1.16 -4.04 -7.07
N PRO A 60 -2.45 -3.67 -6.92
CA PRO A 60 -3.50 -4.23 -7.79
C PRO A 60 -3.19 -4.18 -9.29
N HIS A 61 -2.61 -3.08 -9.76
CA HIS A 61 -2.31 -2.91 -11.19
C HIS A 61 -1.10 -3.75 -11.62
N SER A 62 -0.07 -3.79 -10.79
CA SER A 62 1.15 -4.50 -11.11
C SER A 62 1.01 -6.02 -11.03
N PHE A 63 0.08 -6.49 -10.21
CA PHE A 63 -0.11 -7.92 -9.96
C PHE A 63 -1.28 -8.51 -10.75
N PRO A 64 -1.18 -9.80 -11.16
CA PRO A 64 -2.25 -10.45 -11.92
C PRO A 64 -3.54 -10.65 -11.10
N ALA A 65 -4.59 -11.16 -11.73
CA ALA A 65 -5.91 -11.28 -11.11
C ALA A 65 -6.02 -12.36 -10.03
N HIS A 66 -5.14 -13.36 -10.10
CA HIS A 66 -5.14 -14.47 -9.14
C HIS A 66 -4.26 -14.18 -7.91
N THR A 67 -4.33 -12.94 -7.42
CA THR A 67 -3.52 -12.51 -6.29
C THR A 67 -4.38 -12.31 -5.03
N VAL A 68 -3.86 -12.79 -3.90
CA VAL A 68 -4.41 -12.42 -2.60
C VAL A 68 -3.46 -11.38 -1.99
N ILE A 69 -3.92 -10.15 -1.89
CA ILE A 69 -3.15 -9.09 -1.24
C ILE A 69 -3.36 -9.18 0.27
N CYS A 70 -2.36 -9.67 0.96
CA CYS A 70 -2.36 -9.83 2.39
C CYS A 70 -1.65 -8.71 3.20
N ALA A 71 -2.40 -7.74 3.65
CA ALA A 71 -1.87 -6.56 4.33
C ALA A 71 -1.99 -6.68 5.85
N THR A 72 -0.92 -6.38 6.57
CA THR A 72 -0.79 -6.86 7.94
C THR A 72 -0.23 -5.88 9.00
N VAL A 73 -0.40 -4.57 8.78
CA VAL A 73 -0.11 -3.61 9.86
C VAL A 73 -1.35 -3.40 10.73
N TYR A 74 -1.33 -4.02 11.91
CA TYR A 74 -2.53 -4.22 12.72
C TYR A 74 -2.27 -3.87 14.20
N PRO A 75 -2.03 -2.59 14.52
CA PRO A 75 -1.82 -2.23 15.92
C PRO A 75 -3.06 -2.42 16.79
N GLU A 76 -4.21 -2.59 16.15
CA GLU A 76 -5.48 -2.79 16.84
C GLU A 76 -5.80 -4.28 17.05
N THR A 77 -4.78 -5.13 16.91
CA THR A 77 -4.92 -6.56 17.09
C THR A 77 -5.55 -6.91 18.44
N GLY A 78 -6.52 -7.81 18.42
CA GLY A 78 -7.19 -8.25 19.65
C GLY A 78 -8.24 -7.31 20.20
N THR A 79 -8.62 -6.28 19.42
CA THR A 79 -9.67 -5.34 19.83
C THR A 79 -10.91 -5.48 18.93
N ALA A 80 -11.81 -4.51 19.03
CA ALA A 80 -13.09 -4.54 18.31
C ALA A 80 -12.97 -4.33 16.80
N THR A 81 -11.85 -3.75 16.34
CA THR A 81 -11.62 -3.55 14.91
C THR A 81 -11.29 -4.86 14.20
N HIS A 82 -12.16 -5.27 13.28
CA HIS A 82 -12.10 -6.56 12.65
C HIS A 82 -11.20 -6.60 11.41
N THR A 83 -10.88 -7.83 10.98
CA THR A 83 -10.25 -8.07 9.70
C THR A 83 -11.34 -8.15 8.65
N ILE A 84 -11.06 -7.64 7.46
CA ILE A 84 -12.00 -7.71 6.33
C ILE A 84 -11.39 -8.43 5.14
N ALA A 85 -12.24 -9.08 4.35
CA ALA A 85 -11.83 -9.71 3.11
C ALA A 85 -12.59 -9.07 1.95
N VAL A 86 -11.85 -8.70 0.91
CA VAL A 86 -12.40 -7.94 -0.22
C VAL A 86 -12.12 -8.63 -1.54
N ARG A 87 -13.08 -8.54 -2.47
CA ARG A 87 -12.84 -8.86 -3.88
C ARG A 87 -12.98 -7.58 -4.70
N ASN A 88 -11.92 -7.20 -5.41
CA ASN A 88 -11.95 -5.98 -6.21
C ASN A 88 -12.44 -6.21 -7.64
N GLU A 89 -12.49 -5.14 -8.43
CA GLU A 89 -13.02 -5.19 -9.80
C GLU A 89 -12.13 -5.96 -10.78
N LYS A 90 -10.86 -6.10 -10.45
CA LYS A 90 -9.92 -6.88 -11.27
C LYS A 90 -10.08 -8.38 -11.04
N GLY A 91 -10.67 -8.74 -9.90
CA GLY A 91 -10.87 -10.13 -9.53
C GLY A 91 -9.97 -10.56 -8.39
N GLN A 92 -9.01 -9.70 -8.04
CA GLN A 92 -8.08 -9.95 -6.95
C GLN A 92 -8.79 -9.98 -5.59
N LEU A 93 -8.23 -10.75 -4.67
CA LEU A 93 -8.72 -10.81 -3.31
C LEU A 93 -7.76 -10.08 -2.38
N LEU A 94 -8.29 -9.38 -1.39
CA LEU A 94 -7.43 -8.71 -0.42
C LEU A 94 -7.93 -8.82 1.03
N VAL A 95 -6.99 -9.09 1.93
CA VAL A 95 -7.31 -9.32 3.34
C VAL A 95 -6.45 -8.41 4.22
N GLY A 96 -7.10 -7.75 5.18
CA GLY A 96 -6.41 -6.89 6.12
C GLY A 96 -7.33 -6.33 7.18
N PRO A 97 -6.74 -5.65 8.19
CA PRO A 97 -7.53 -4.97 9.23
C PRO A 97 -8.34 -3.83 8.66
N ASN A 98 -9.59 -3.69 9.12
CA ASN A 98 -10.44 -2.58 8.73
C ASN A 98 -10.03 -1.29 9.47
N ASN A 99 -8.80 -0.84 9.21
CA ASN A 99 -8.24 0.34 9.87
C ASN A 99 -7.72 1.41 8.89
N GLY A 100 -8.04 1.23 7.61
CA GLY A 100 -7.63 2.17 6.57
C GLY A 100 -6.49 1.68 5.70
N LEU A 101 -5.96 0.51 6.03
CA LEU A 101 -4.78 -0.05 5.35
C LEU A 101 -4.99 -0.33 3.86
N LEU A 102 -6.19 -0.75 3.48
CA LEU A 102 -6.47 -1.10 2.09
C LEU A 102 -7.03 0.07 1.27
N SER A 103 -7.05 1.25 1.88
CA SER A 103 -7.66 2.46 1.28
C SER A 103 -7.21 2.75 -0.14
N PHE A 104 -5.90 2.88 -0.34
CA PHE A 104 -5.37 3.30 -1.63
C PHE A 104 -5.32 2.18 -2.66
N ALA A 105 -5.28 0.93 -2.18
CA ALA A 105 -5.38 -0.24 -3.05
C ALA A 105 -6.78 -0.34 -3.66
N LEU A 106 -7.79 0.04 -2.88
CA LEU A 106 -9.18 0.03 -3.34
C LEU A 106 -9.50 1.22 -4.26
N ASP A 107 -8.68 2.27 -4.18
CA ASP A 107 -8.79 3.40 -5.12
C ASP A 107 -8.40 2.96 -6.53
N ALA A 108 -7.38 2.11 -6.62
CA ALA A 108 -6.90 1.57 -7.89
C ALA A 108 -7.94 0.64 -8.51
N SER A 109 -8.43 -0.31 -7.72
CA SER A 109 -9.49 -1.22 -8.14
C SER A 109 -10.51 -1.34 -7.01
N PRO A 110 -11.71 -0.77 -7.20
CA PRO A 110 -12.74 -0.66 -6.16
C PRO A 110 -13.27 -2.00 -5.66
N ALA A 111 -13.88 -1.98 -4.47
CA ALA A 111 -14.46 -3.17 -3.85
C ALA A 111 -15.79 -3.56 -4.50
N VAL A 112 -15.87 -4.82 -4.95
CA VAL A 112 -17.11 -5.38 -5.51
C VAL A 112 -17.87 -6.15 -4.43
N GLU A 113 -17.14 -6.78 -3.52
CA GLU A 113 -17.73 -7.56 -2.45
C GLU A 113 -16.84 -7.51 -1.22
N CYS A 114 -17.40 -7.32 -0.06
CA CYS A 114 -16.67 -7.36 1.19
C CYS A 114 -17.34 -8.09 2.28
N HIS A 115 -16.54 -8.66 3.13
CA HIS A 115 -17.01 -9.43 4.28
C HIS A 115 -16.06 -9.21 5.44
N GLU A 116 -16.59 -9.20 6.66
CA GLU A 116 -15.75 -9.19 7.85
C GLU A 116 -15.31 -10.62 8.13
N VAL A 117 -14.03 -10.80 8.50
CA VAL A 117 -13.52 -12.13 8.80
C VAL A 117 -13.83 -12.49 10.26
N LEU A 118 -14.90 -13.27 10.43
CA LEU A 118 -15.41 -13.61 11.77
C LEU A 118 -15.45 -15.11 12.07
N SER A 119 -15.50 -15.93 11.02
CA SER A 119 -15.56 -17.39 11.18
C SER A 119 -14.22 -17.99 11.62
N PRO A 120 -14.25 -18.88 12.63
CA PRO A 120 -13.03 -19.57 13.09
C PRO A 120 -12.47 -20.62 12.11
N ASP A 121 -13.30 -21.07 11.16
CA ASP A 121 -12.89 -22.08 10.18
C ASP A 121 -11.84 -21.57 9.18
N VAL A 122 -11.70 -20.26 9.08
CA VAL A 122 -10.68 -19.64 8.23
C VAL A 122 -9.57 -18.99 9.07
N MET A 123 -9.51 -19.36 10.34
CA MET A 123 -8.55 -18.79 11.28
C MET A 123 -7.59 -19.86 11.73
N ASN A 124 -6.55 -19.44 12.44
CA ASN A 124 -5.54 -20.35 12.98
C ASN A 124 -5.73 -20.54 14.49
N GLN A 125 -6.47 -21.58 14.85
CA GLN A 125 -6.81 -21.87 16.25
C GLN A 125 -5.66 -22.45 17.06
N PRO A 126 -5.48 -21.97 18.31
CA PRO A 126 -6.25 -20.86 18.89
C PRO A 126 -5.66 -19.51 18.50
N VAL A 127 -6.50 -18.50 18.38
CA VAL A 127 -6.06 -17.17 17.97
C VAL A 127 -5.46 -16.38 19.14
N THR A 128 -4.19 -15.98 18.99
CA THR A 128 -3.51 -15.14 19.96
C THR A 128 -3.98 -13.69 19.77
N PRO A 129 -4.45 -13.04 20.86
CA PRO A 129 -4.95 -11.66 20.80
C PRO A 129 -3.92 -10.66 20.30
N THR A 130 -2.63 -10.93 20.54
CA THR A 130 -1.57 -10.03 20.09
C THR A 130 -1.04 -10.33 18.68
N TRP A 131 -1.53 -11.41 18.08
CA TRP A 131 -1.12 -11.77 16.72
C TRP A 131 -2.27 -12.09 15.76
N TYR A 132 -3.15 -11.12 15.55
CA TYR A 132 -4.25 -11.26 14.58
C TYR A 132 -3.70 -11.37 13.16
N SER A 133 -2.61 -10.75 12.91
CA SER A 133 -1.96 -10.81 11.66
C SER A 133 -1.60 -12.15 11.14
N LYS A 134 -1.19 -12.99 12.04
CA LYS A 134 -0.89 -14.37 11.71
C LYS A 134 -2.15 -15.23 11.75
N ASP A 135 -2.87 -15.17 12.87
CA ASP A 135 -3.94 -16.11 13.17
C ASP A 135 -5.25 -15.83 12.43
N ILE A 136 -5.42 -14.59 12.00
CA ILE A 136 -6.64 -14.22 11.27
C ILE A 136 -6.32 -13.77 9.84
N VAL A 137 -5.51 -12.71 9.71
CA VAL A 137 -5.20 -12.11 8.40
C VAL A 137 -4.48 -13.10 7.47
N ALA A 138 -3.33 -13.62 7.91
CA ALA A 138 -2.54 -14.54 7.10
C ALA A 138 -3.24 -15.86 6.85
N ALA A 139 -3.91 -16.38 7.88
CA ALA A 139 -4.66 -17.65 7.77
C ALA A 139 -5.80 -17.53 6.76
N CYS A 140 -6.58 -16.46 6.88
CA CYS A 140 -7.70 -16.20 5.97
C CYS A 140 -7.21 -16.00 4.54
N ALA A 141 -6.11 -15.29 4.38
CA ALA A 141 -5.51 -15.03 3.07
C ALA A 141 -5.14 -16.33 2.35
N ALA A 142 -4.66 -17.30 3.12
CA ALA A 142 -4.29 -18.61 2.58
C ALA A 142 -5.51 -19.46 2.22
N HIS A 143 -6.58 -19.33 3.01
CA HIS A 143 -7.82 -20.06 2.75
C HIS A 143 -8.48 -19.62 1.46
N LEU A 144 -8.54 -18.30 1.26
CA LEU A 144 -9.05 -17.72 0.02
C LEU A 144 -8.17 -18.10 -1.17
N ALA A 145 -6.86 -18.18 -0.93
CA ALA A 145 -5.90 -18.61 -1.95
C ALA A 145 -6.14 -20.05 -2.37
N ALA A 146 -6.54 -20.89 -1.41
CA ALA A 146 -6.83 -22.30 -1.66
C ALA A 146 -8.16 -22.49 -2.38
N GLY A 147 -9.03 -21.49 -2.30
CA GLY A 147 -10.29 -21.49 -3.05
C GLY A 147 -11.56 -21.38 -2.22
N THR A 148 -11.42 -20.94 -0.97
CA THR A 148 -12.55 -20.76 -0.07
C THR A 148 -13.46 -19.62 -0.54
N ASP A 149 -14.78 -19.89 -0.54
CA ASP A 149 -15.80 -18.90 -0.85
C ASP A 149 -15.66 -17.69 0.06
N LEU A 150 -15.74 -16.50 -0.52
CA LEU A 150 -15.66 -15.23 0.21
C LEU A 150 -16.73 -15.16 1.31
N ALA A 151 -17.91 -15.71 1.03
CA ALA A 151 -19.04 -15.69 1.96
C ALA A 151 -18.77 -16.46 3.26
N ALA A 152 -17.88 -17.44 3.22
CA ALA A 152 -17.61 -18.30 4.36
C ALA A 152 -16.79 -17.64 5.48
N VAL A 153 -16.12 -16.53 5.18
CA VAL A 153 -15.24 -15.87 6.15
C VAL A 153 -16.01 -15.15 7.26
N GLY A 154 -17.25 -14.74 6.95
CA GLY A 154 -18.08 -13.99 7.88
C GLY A 154 -19.15 -13.22 7.14
N PRO A 155 -19.88 -12.35 7.86
CA PRO A 155 -21.04 -11.65 7.29
C PRO A 155 -20.65 -10.56 6.30
N ARG A 156 -21.49 -10.34 5.30
CA ARG A 156 -21.30 -9.28 4.31
C ARG A 156 -21.44 -7.91 4.93
N ILE A 157 -20.63 -6.96 4.47
CA ILE A 157 -20.74 -5.56 4.86
C ILE A 157 -20.77 -4.65 3.63
N ASP A 158 -21.23 -3.42 3.82
CA ASP A 158 -21.21 -2.42 2.75
C ASP A 158 -19.80 -1.85 2.60
N PRO A 159 -19.41 -1.49 1.36
CA PRO A 159 -18.12 -0.86 1.10
C PRO A 159 -17.87 0.43 1.89
N LYS A 160 -18.94 1.14 2.26
CA LYS A 160 -18.80 2.35 3.07
C LYS A 160 -18.39 2.05 4.53
N GLN A 161 -18.61 0.82 4.96
CA GLN A 161 -18.20 0.38 6.30
C GLN A 161 -16.70 0.10 6.36
N ILE A 162 -16.03 0.20 5.21
CA ILE A 162 -14.58 0.11 5.14
C ILE A 162 -13.98 1.48 5.45
N VAL A 163 -13.18 1.52 6.52
CA VAL A 163 -12.46 2.73 6.92
C VAL A 163 -11.52 3.20 5.81
N ARG A 164 -11.64 4.48 5.45
CA ARG A 164 -10.81 5.06 4.40
C ARG A 164 -9.94 6.17 4.97
N LEU A 165 -8.70 6.22 4.50
CA LEU A 165 -7.77 7.28 4.88
C LEU A 165 -7.92 8.50 3.97
N PRO A 166 -7.89 9.71 4.55
CA PRO A 166 -8.01 10.94 3.75
C PRO A 166 -6.78 11.16 2.87
N TYR A 167 -7.03 11.53 1.62
CA TYR A 167 -5.96 11.85 0.67
C TYR A 167 -6.17 13.26 0.14
N ALA A 168 -5.19 14.13 0.40
CA ALA A 168 -5.27 15.53 -0.02
C ALA A 168 -5.03 15.69 -1.51
N SER A 169 -5.91 16.43 -2.18
CA SER A 169 -5.78 16.71 -3.60
C SER A 169 -4.96 17.98 -3.85
N ALA A 170 -4.24 18.00 -4.96
CA ALA A 170 -3.55 19.19 -5.43
C ALA A 170 -4.56 20.05 -6.19
N SER A 171 -4.42 21.37 -6.07
CA SER A 171 -5.35 22.29 -6.70
C SER A 171 -4.65 23.50 -7.31
N GLU A 172 -5.26 24.05 -8.36
CA GLU A 172 -4.77 25.27 -9.01
C GLU A 172 -5.16 26.49 -8.17
N VAL A 173 -4.16 27.29 -7.82
CA VAL A 173 -4.37 28.45 -6.96
C VAL A 173 -3.69 29.73 -7.49
N GLY A 176 -0.27 29.00 -10.98
CA GLY A 176 0.28 28.30 -9.82
C GLY A 176 -0.55 27.11 -9.38
N ILE A 177 0.12 26.07 -8.90
CA ILE A 177 -0.54 24.86 -8.41
C ILE A 177 0.04 24.47 -7.06
N ARG A 178 -0.80 24.43 -6.03
CA ARG A 178 -0.37 24.02 -4.70
C ARG A 178 -0.66 22.55 -4.45
N GLY A 179 0.35 21.85 -3.94
CA GLY A 179 0.22 20.45 -3.56
C GLY A 179 0.99 20.17 -2.28
N GLU A 180 1.19 18.88 -1.98
CA GLU A 180 1.96 18.49 -0.81
C GLU A 180 2.82 17.25 -1.07
N VAL A 181 3.79 17.02 -0.19
CA VAL A 181 4.63 15.84 -0.27
C VAL A 181 3.88 14.64 0.28
N VAL A 182 3.69 13.62 -0.56
CA VAL A 182 2.99 12.41 -0.14
C VAL A 182 3.95 11.36 0.40
N ARG A 183 5.01 11.08 -0.33
CA ARG A 183 6.00 10.08 0.09
C ARG A 183 7.40 10.32 -0.46
N ILE A 184 8.40 9.94 0.32
CA ILE A 184 9.80 10.01 -0.09
C ILE A 184 10.28 8.63 -0.50
N ASP A 185 10.93 8.57 -1.66
CA ASP A 185 11.50 7.33 -2.19
C ASP A 185 12.77 6.97 -1.40
N ARG A 186 12.58 6.22 -0.31
CA ARG A 186 13.64 5.93 0.69
C ARG A 186 15.02 5.60 0.12
N ALA A 187 15.07 4.70 -0.86
CA ALA A 187 16.34 4.20 -1.41
C ALA A 187 17.16 5.24 -2.15
N PHE A 188 16.50 6.24 -2.73
CA PHE A 188 17.20 7.22 -3.58
C PHE A 188 17.12 8.66 -3.09
N GLY A 189 16.04 8.97 -2.37
CA GLY A 189 15.83 10.31 -1.82
C GLY A 189 14.96 11.20 -2.69
N ASN A 190 14.31 10.60 -3.68
CA ASN A 190 13.37 11.31 -4.54
C ASN A 190 12.10 11.66 -3.77
N VAL A 191 11.51 12.81 -4.10
CA VAL A 191 10.30 13.29 -3.45
C VAL A 191 9.12 13.12 -4.39
N TRP A 192 8.03 12.51 -3.89
CA TRP A 192 6.80 12.39 -4.68
C TRP A 192 5.71 13.33 -4.16
N THR A 193 5.04 14.00 -5.10
CA THR A 193 3.97 14.94 -4.77
C THR A 193 2.61 14.41 -5.22
N ASN A 194 1.54 15.13 -4.88
CA ASN A 194 0.19 14.74 -5.28
C ASN A 194 -0.30 15.49 -6.52
N ILE A 195 0.60 16.22 -7.16
CA ILE A 195 0.30 16.97 -8.39
C ILE A 195 0.27 16.03 -9.59
N PRO A 196 -0.89 15.92 -10.27
CA PRO A 196 -1.06 15.01 -11.41
C PRO A 196 -0.47 15.58 -12.71
N THR A 197 -0.43 14.76 -13.75
CA THR A 197 0.29 15.08 -15.01
C THR A 197 0.42 16.58 -15.34
N HIS A 198 -0.64 17.39 -15.42
CA HIS A 198 -2.03 17.13 -15.90
C HIS A 198 -2.63 18.52 -15.69
N LEU A 199 -2.43 19.04 -14.49
CA LEU A 199 -2.68 20.44 -14.14
C LEU A 199 -1.55 21.33 -14.67
N ILE A 200 -0.44 20.71 -15.06
CA ILE A 200 0.72 21.42 -15.60
C ILE A 200 0.56 21.73 -17.09
N ARG A 209 11.40 25.97 -17.99
CA ARG A 209 11.95 25.90 -16.64
C ARG A 209 10.96 26.49 -15.64
N LEU A 210 10.62 25.72 -14.62
CA LEU A 210 9.56 26.08 -13.68
C LEU A 210 10.10 26.50 -12.31
N GLU A 211 9.23 27.10 -11.51
CA GLU A 211 9.58 27.59 -10.19
C GLU A 211 8.87 26.78 -9.10
N VAL A 212 9.66 26.22 -8.18
CA VAL A 212 9.13 25.42 -7.08
C VAL A 212 9.49 26.03 -5.72
N LYS A 213 8.47 26.28 -4.91
CA LYS A 213 8.64 27.00 -3.64
C LYS A 213 8.60 26.06 -2.43
N THR A 220 11.63 27.97 0.68
CA THR A 220 12.76 28.05 -0.23
C THR A 220 12.30 27.91 -1.68
N VAL A 221 12.76 28.83 -2.52
CA VAL A 221 12.40 28.85 -3.94
C VAL A 221 13.54 28.32 -4.82
N LEU A 222 13.19 27.46 -5.77
CA LEU A 222 14.16 26.84 -6.68
C LEU A 222 13.69 26.90 -8.12
N GLU A 223 14.62 27.14 -9.05
CA GLU A 223 14.33 27.01 -10.47
C GLU A 223 14.81 25.65 -10.97
N LEU A 224 13.85 24.78 -11.33
CA LEU A 224 14.17 23.42 -11.75
C LEU A 224 13.68 23.12 -13.17
N PRO A 225 14.54 22.47 -13.99
CA PRO A 225 14.11 22.03 -15.31
C PRO A 225 13.19 20.81 -15.23
N PHE A 226 12.19 20.78 -16.11
CA PHE A 226 11.28 19.64 -16.20
C PHE A 226 11.79 18.65 -17.24
N CYS A 227 12.09 17.44 -16.78
CA CYS A 227 12.71 16.41 -17.63
C CYS A 227 11.85 15.15 -17.71
N LYS A 228 12.13 14.32 -18.70
CA LYS A 228 11.48 13.02 -18.83
C LYS A 228 12.12 11.98 -17.92
N THR A 229 13.42 12.13 -17.68
CA THR A 229 14.19 11.20 -16.84
C THR A 229 15.37 11.88 -16.15
N PHE A 230 16.01 11.15 -15.22
CA PHE A 230 17.08 11.70 -14.37
C PHE A 230 18.30 12.23 -15.12
N GLY A 231 18.75 11.47 -16.12
CA GLY A 231 19.99 11.76 -16.83
C GLY A 231 19.97 12.90 -17.83
N GLU A 232 18.91 13.69 -17.82
CA GLU A 232 18.80 14.86 -18.69
C GLU A 232 19.46 16.09 -18.09
N VAL A 233 19.82 16.00 -16.81
CA VAL A 233 20.62 17.02 -16.15
C VAL A 233 21.94 16.42 -15.69
N ASP A 234 22.93 17.28 -15.43
CA ASP A 234 24.25 16.85 -14.97
C ASP A 234 24.16 16.13 -13.62
N GLU A 235 25.14 15.28 -13.34
CA GLU A 235 25.20 14.53 -12.09
C GLU A 235 25.17 15.48 -10.89
N GLY A 236 24.27 15.19 -9.95
CA GLY A 236 24.13 16.01 -8.74
C GLY A 236 23.09 17.11 -8.85
N GLN A 237 22.71 17.47 -10.07
CA GLN A 237 21.78 18.57 -10.31
C GLN A 237 20.32 18.16 -10.10
N PRO A 238 19.49 19.07 -9.56
CA PRO A 238 18.06 18.82 -9.34
C PRO A 238 17.22 18.87 -10.62
N LEU A 239 16.09 18.16 -10.61
CA LEU A 239 15.17 18.11 -11.75
C LEU A 239 13.71 17.86 -11.31
N LEU A 240 12.78 18.22 -12.19
CA LEU A 240 11.38 17.88 -12.03
C LEU A 240 10.99 16.85 -13.08
N TYR A 241 10.13 15.91 -12.72
CA TYR A 241 9.71 14.86 -13.63
C TYR A 241 8.40 14.21 -13.20
N LEU A 242 7.78 13.47 -14.12
CA LEU A 242 6.58 12.71 -13.82
C LEU A 242 6.93 11.26 -13.58
N ASN A 243 6.46 10.70 -12.46
CA ASN A 243 6.70 9.31 -12.13
C ASN A 243 5.72 8.34 -12.78
N SER A 244 5.85 7.05 -12.49
CA SER A 244 5.00 5.99 -13.05
C SER A 244 3.52 6.14 -12.68
N ARG A 245 3.25 6.92 -11.63
CA ARG A 245 1.88 7.10 -11.12
C ARG A 245 1.24 8.37 -11.69
N GLY A 246 1.92 9.01 -12.63
CA GLY A 246 1.44 10.24 -13.27
C GLY A 246 1.52 11.47 -12.38
N ARG A 247 2.31 11.39 -11.32
CA ARG A 247 2.47 12.49 -10.37
C ARG A 247 3.84 13.15 -10.46
N LEU A 248 3.87 14.45 -10.19
CA LEU A 248 5.10 15.24 -10.23
C LEU A 248 6.07 14.81 -9.13
N ALA A 249 7.36 14.80 -9.46
CA ALA A 249 8.39 14.35 -8.55
C ALA A 249 9.65 15.21 -8.59
N LEU A 250 10.38 15.22 -7.48
CA LEU A 250 11.63 15.96 -7.34
C LEU A 250 12.77 14.98 -7.09
N GLY A 251 13.93 15.25 -7.70
CA GLY A 251 15.10 14.42 -7.48
C GLY A 251 16.40 15.08 -7.90
N LEU A 252 17.50 14.49 -7.44
CA LEU A 252 18.83 14.87 -7.93
C LEU A 252 19.37 13.74 -8.79
N ASN A 253 19.91 14.09 -9.96
CA ASN A 253 20.51 13.11 -10.86
C ASN A 253 21.67 12.37 -10.18
N GLN A 254 21.41 11.11 -9.83
CA GLN A 254 22.36 10.23 -9.15
C GLN A 254 22.81 10.76 -7.77
N SER A 255 21.87 11.34 -7.03
CA SER A 255 22.11 11.79 -5.67
C SER A 255 20.82 11.82 -4.82
N ASN A 256 20.94 12.17 -3.55
CA ASN A 256 19.81 12.13 -2.61
C ASN A 256 19.22 13.52 -2.34
N PHE A 257 18.00 13.73 -2.84
CA PHE A 257 17.34 15.05 -2.79
C PHE A 257 17.05 15.52 -1.36
N ILE A 258 16.48 14.64 -0.53
CA ILE A 258 16.13 15.00 0.85
C ILE A 258 17.33 15.14 1.80
N GLU A 259 18.53 14.89 1.28
CA GLU A 259 19.77 15.20 2.01
C GLU A 259 20.26 16.61 1.67
N LYS A 260 19.78 17.14 0.55
CA LYS A 260 20.05 18.53 0.18
C LYS A 260 18.93 19.44 0.69
N TRP A 261 17.68 19.05 0.45
CA TRP A 261 16.53 19.80 0.92
C TRP A 261 15.61 18.85 1.70
N PRO A 262 15.75 18.82 3.04
CA PRO A 262 15.07 17.82 3.86
C PRO A 262 13.57 18.08 4.04
N VAL A 263 12.78 17.55 3.13
CA VAL A 263 11.32 17.66 3.19
C VAL A 263 10.73 16.41 3.84
N VAL A 264 9.56 16.57 4.46
CA VAL A 264 8.84 15.45 5.07
C VAL A 264 7.41 15.36 4.52
N PRO A 265 6.82 14.15 4.50
CA PRO A 265 5.42 13.96 4.08
C PRO A 265 4.46 14.93 4.77
N GLY A 266 3.69 15.66 3.98
CA GLY A 266 2.75 16.65 4.51
C GLY A 266 3.11 18.09 4.17
N ASP A 267 4.39 18.33 3.92
CA ASP A 267 4.89 19.67 3.60
C ASP A 267 4.36 20.19 2.27
N SER A 268 4.07 21.49 2.22
CA SER A 268 3.52 22.13 1.03
C SER A 268 4.54 22.26 -0.09
N ILE A 269 4.06 22.27 -1.33
CA ILE A 269 4.88 22.51 -2.50
C ILE A 269 4.06 23.23 -3.58
N THR A 270 4.55 24.38 -4.03
CA THR A 270 3.85 25.19 -5.01
C THR A 270 4.69 25.30 -6.29
N VAL A 271 4.05 25.05 -7.43
CA VAL A 271 4.72 25.09 -8.72
C VAL A 271 4.11 26.18 -9.62
N SER A 272 4.95 27.12 -10.04
CA SER A 272 4.50 28.23 -10.87
C SER A 272 5.48 28.48 -12.03
N PRO A 273 5.00 29.12 -13.11
CA PRO A 273 5.88 29.46 -14.24
C PRO A 273 6.95 30.49 -13.87
#